data_2ORT
#
_entry.id   2ORT
#
_cell.length_a   63.060
_cell.length_b   73.423
_cell.length_c   92.724
_cell.angle_alpha   90.00
_cell.angle_beta   90.00
_cell.angle_gamma   90.00
#
_symmetry.space_group_name_H-M   'P 21 21 21'
#
loop_
_entity.id
_entity.type
_entity.pdbx_description
1 polymer 'Nitric oxide synthase, inducible'
2 non-polymer 'PROTOPORPHYRIN IX CONTAINING FE'
3 non-polymer (3S)-1-(1,3-BENZODIOXOL-5-YLMETHYL)-3-[4-(1H-IMIDAZOL-1-YL)PHENOXY]PIPERIDINE
4 water water
#
_entity_poly.entity_id   1
_entity_poly.type   'polypeptide(L)'
_entity_poly.pdbx_seq_one_letter_code
;MNPKSLTRGPRDKPTPLEELLPHAIEFINQYYGSFKEAKIEEHLARLEAVTKEIETTGTYQLTLDELIFATKMAWRNAPR
CIGRIQWSNLQVFDARNCSTAQEMFQHICRHILYATNNGNIRSAITVFPQRSDGKHDFRLWNSQLIRYAGYQMPDGTIRG
DAATLEFTQLCIDLGWKPRYGRFDVLPLVLQADGQDPEVFEIPPDLVLEVTMEHPKYEWFQELGLKWYALPAVANMLLEV
GGLEFPACPFNGWYMGTEIGVRDFCDTQRYNILEEVGRRMGLETHTLASLWKDRAVTEINVAVLHSFQKQNVTIMDHHTA
SESFMKHMQNEYRARGGCPADWIWLVPPVSGSITPVFHQEMLNYVLSPFYYYQIEPWKTHIWQNEHHHH
;
_entity_poly.pdbx_strand_id   A
#
loop_
_chem_comp.id
_chem_comp.type
_chem_comp.name
_chem_comp.formula
342 non-polymer (3S)-1-(1,3-BENZODIOXOL-5-YLMETHYL)-3-[4-(1H-IMIDAZOL-1-YL)PHENOXY]PIPERIDINE 'C22 H23 N3 O3'
HEM non-polymer 'PROTOPORPHYRIN IX CONTAINING FE' 'C34 H32 Fe N4 O4'
#
# COMPACT_ATOMS: atom_id res chain seq x y z
N MET A 1 -13.12 12.38 -25.09
CA MET A 1 -12.34 11.52 -24.21
C MET A 1 -13.22 10.78 -23.23
N ASN A 2 -12.86 9.53 -22.94
CA ASN A 2 -13.58 8.70 -21.97
C ASN A 2 -12.64 8.13 -20.91
N PRO A 3 -11.90 8.99 -20.21
CA PRO A 3 -11.06 8.54 -19.10
C PRO A 3 -11.92 7.95 -18.01
N LYS A 4 -11.32 7.10 -17.17
CA LYS A 4 -12.04 6.60 -16.01
C LYS A 4 -11.56 7.31 -14.76
N SER A 5 -12.39 7.28 -13.72
CA SER A 5 -11.97 7.84 -12.43
C SER A 5 -10.83 7.01 -11.86
N LEU A 6 -9.81 7.69 -11.35
CA LEU A 6 -8.71 7.01 -10.67
C LEU A 6 -9.01 6.86 -9.18
N THR A 7 -10.19 7.30 -8.77
CA THR A 7 -10.61 7.20 -7.37
C THR A 7 -11.72 6.17 -7.21
N ARG A 8 -11.64 5.38 -6.13
CA ARG A 8 -12.69 4.41 -5.80
C ARG A 8 -13.21 4.73 -4.39
N GLY A 9 -14.48 5.09 -4.29
CA GLY A 9 -15.00 5.61 -3.04
C GLY A 9 -15.52 4.57 -2.08
N PRO A 10 -16.13 4.98 -0.96
CA PRO A 10 -16.75 4.09 0.02
C PRO A 10 -18.02 3.43 -0.48
N ARG A 11 -18.42 2.36 0.18
CA ARG A 11 -19.72 1.72 -0.05
C ARG A 11 -20.44 1.66 1.29
N ASP A 12 -21.76 1.51 1.26
CA ASP A 12 -22.52 1.27 2.48
C ASP A 12 -23.21 -0.10 2.42
N LYS A 13 -22.94 -0.84 1.36
CA LYS A 13 -23.48 -2.20 1.22
C LYS A 13 -22.54 -3.08 0.41
N PRO A 14 -22.66 -4.41 0.56
CA PRO A 14 -21.82 -5.33 -0.20
C PRO A 14 -22.03 -5.13 -1.69
N THR A 15 -21.00 -5.44 -2.47
CA THR A 15 -21.13 -5.39 -3.91
C THR A 15 -22.21 -6.37 -4.34
N PRO A 16 -23.14 -5.92 -5.20
CA PRO A 16 -24.17 -6.85 -5.67
C PRO A 16 -23.53 -8.03 -6.40
N LEU A 17 -24.05 -9.23 -6.14
CA LEU A 17 -23.48 -10.44 -6.70
C LEU A 17 -23.48 -10.38 -8.22
N GLU A 18 -24.50 -9.76 -8.79
CA GLU A 18 -24.61 -9.64 -10.23
C GLU A 18 -23.49 -8.76 -10.78
N GLU A 19 -22.94 -7.91 -9.92
CA GLU A 19 -21.81 -7.07 -10.31
C GLU A 19 -20.50 -7.80 -10.04
N LEU A 20 -20.42 -8.45 -8.88
CA LEU A 20 -19.20 -9.10 -8.43
C LEU A 20 -18.79 -10.30 -9.30
N LEU A 21 -19.77 -11.12 -9.65
CA LEU A 21 -19.49 -12.41 -10.29
C LEU A 21 -18.76 -12.27 -11.62
N PRO A 22 -19.24 -11.37 -12.51
CA PRO A 22 -18.56 -11.15 -13.80
C PRO A 22 -17.10 -10.72 -13.60
N HIS A 23 -16.87 -9.85 -12.62
CA HIS A 23 -15.52 -9.39 -12.30
C HIS A 23 -14.65 -10.52 -11.76
N ALA A 24 -15.19 -11.29 -10.83
CA ALA A 24 -14.45 -12.43 -10.30
C ALA A 24 -14.04 -13.34 -11.45
N ILE A 25 -15.00 -13.69 -12.30
CA ILE A 25 -14.73 -14.60 -13.41
C ILE A 25 -13.64 -14.07 -14.32
N GLU A 26 -13.68 -12.77 -14.59
CA GLU A 26 -12.71 -12.16 -15.49
C GLU A 26 -11.29 -12.26 -14.92
N PHE A 27 -11.15 -12.02 -13.62
CA PHE A 27 -9.83 -12.12 -12.98
C PHE A 27 -9.31 -13.55 -12.97
N ILE A 28 -10.18 -14.49 -12.61
CA ILE A 28 -9.81 -15.89 -12.61
C ILE A 28 -9.22 -16.22 -13.98
N ASN A 29 -9.86 -15.73 -15.04
CA ASN A 29 -9.37 -15.98 -16.38
C ASN A 29 -7.99 -15.38 -16.58
N GLN A 30 -7.84 -14.14 -16.16
CA GLN A 30 -6.57 -13.44 -16.29
C GLN A 30 -5.47 -14.21 -15.55
N TYR A 31 -5.79 -14.67 -14.35
CA TYR A 31 -4.86 -15.45 -13.55
C TYR A 31 -4.47 -16.75 -14.26
N TYR A 32 -5.46 -17.57 -14.58
CA TYR A 32 -5.16 -18.86 -15.21
C TYR A 32 -4.63 -18.71 -16.61
N GLY A 33 -4.90 -17.55 -17.23
CA GLY A 33 -4.33 -17.28 -18.53
C GLY A 33 -2.83 -17.08 -18.45
N SER A 34 -2.32 -16.79 -17.26
CA SER A 34 -0.89 -16.56 -17.08
C SER A 34 -0.14 -17.89 -17.10
N PHE A 35 -0.86 -18.97 -17.36
CA PHE A 35 -0.27 -20.29 -17.50
C PHE A 35 -0.43 -20.81 -18.94
N LYS A 36 -0.89 -19.94 -19.83
CA LYS A 36 -1.00 -20.25 -21.25
C LYS A 36 -1.90 -21.44 -21.55
N GLU A 37 -1.29 -22.57 -21.90
CA GLU A 37 -2.05 -23.73 -22.36
C GLU A 37 -2.35 -24.71 -21.23
N ALA A 38 -1.62 -24.59 -20.13
CA ALA A 38 -1.74 -25.52 -19.02
C ALA A 38 -2.90 -25.15 -18.09
N LYS A 39 -3.43 -26.15 -17.39
CA LYS A 39 -4.31 -25.93 -16.25
C LYS A 39 -5.76 -25.58 -16.60
N ILE A 40 -6.23 -26.03 -17.75
CA ILE A 40 -7.61 -25.79 -18.16
C ILE A 40 -8.57 -26.27 -17.08
N GLU A 41 -8.25 -27.40 -16.46
CA GLU A 41 -9.16 -28.04 -15.52
C GLU A 41 -9.17 -27.33 -14.17
N GLU A 42 -8.01 -26.89 -13.71
CA GLU A 42 -7.95 -26.11 -12.48
C GLU A 42 -8.70 -24.81 -12.68
N HIS A 43 -8.60 -24.26 -13.87
CA HIS A 43 -9.25 -23.00 -14.18
C HIS A 43 -10.76 -23.14 -14.01
N LEU A 44 -11.35 -24.09 -14.72
CA LEU A 44 -12.77 -24.36 -14.62
C LEU A 44 -13.18 -24.72 -13.20
N ALA A 45 -12.37 -25.54 -12.55
CA ALA A 45 -12.66 -25.95 -11.17
C ALA A 45 -12.71 -24.73 -10.26
N ARG A 46 -11.77 -23.80 -10.45
CA ARG A 46 -11.74 -22.59 -9.64
C ARG A 46 -12.95 -21.71 -9.95
N LEU A 47 -13.33 -21.63 -11.22
CA LEU A 47 -14.49 -20.84 -11.60
C LEU A 47 -15.72 -21.31 -10.83
N GLU A 48 -15.88 -22.62 -10.77
CA GLU A 48 -17.03 -23.24 -10.11
C GLU A 48 -17.02 -23.00 -8.60
N ALA A 49 -15.86 -23.14 -7.97
CA ALA A 49 -15.76 -22.94 -6.54
C ALA A 49 -16.00 -21.48 -6.14
N VAL A 50 -15.44 -20.57 -6.92
CA VAL A 50 -15.60 -19.15 -6.64
C VAL A 50 -17.06 -18.73 -6.80
N THR A 51 -17.68 -19.20 -7.87
CA THR A 51 -19.09 -18.92 -8.11
C THR A 51 -19.95 -19.38 -6.95
N LYS A 52 -19.67 -20.59 -6.45
CA LYS A 52 -20.45 -21.14 -5.36
C LYS A 52 -20.21 -20.36 -4.07
N GLU A 53 -18.97 -19.94 -3.86
CA GLU A 53 -18.62 -19.21 -2.65
C GLU A 53 -19.37 -17.88 -2.63
N ILE A 54 -19.42 -17.23 -3.77
CA ILE A 54 -20.11 -15.95 -3.89
C ILE A 54 -21.61 -16.11 -3.65
N GLU A 55 -22.19 -17.14 -4.24
CA GLU A 55 -23.61 -17.40 -4.08
C GLU A 55 -23.94 -17.79 -2.65
N THR A 56 -23.00 -18.44 -1.98
CA THR A 56 -23.20 -18.90 -0.61
C THR A 56 -22.98 -17.80 0.43
N THR A 57 -21.94 -17.00 0.22
CA THR A 57 -21.48 -16.05 1.24
C THR A 57 -21.63 -14.61 0.80
N GLY A 58 -21.91 -14.39 -0.48
CA GLY A 58 -22.01 -13.05 -1.00
C GLY A 58 -20.67 -12.47 -1.45
N THR A 59 -19.61 -13.24 -1.24
CA THR A 59 -18.27 -12.80 -1.64
C THR A 59 -17.37 -14.02 -1.85
N TYR A 60 -16.07 -13.79 -1.99
CA TYR A 60 -15.13 -14.89 -2.04
C TYR A 60 -13.73 -14.47 -1.60
N GLN A 61 -12.90 -15.45 -1.28
CA GLN A 61 -11.53 -15.19 -0.87
C GLN A 61 -10.56 -15.60 -1.98
N LEU A 62 -9.52 -14.80 -2.17
CA LEU A 62 -8.46 -15.12 -3.13
C LEU A 62 -7.52 -16.14 -2.52
N THR A 63 -6.97 -17.01 -3.36
CA THR A 63 -5.86 -17.85 -2.90
C THR A 63 -4.67 -16.93 -2.71
N LEU A 64 -3.69 -17.40 -1.95
CA LEU A 64 -2.50 -16.61 -1.68
C LEU A 64 -1.81 -16.30 -3.00
N ASP A 65 -1.71 -17.31 -3.87
CA ASP A 65 -1.04 -17.12 -5.14
C ASP A 65 -1.80 -16.15 -6.04
N GLU A 66 -3.13 -16.21 -5.99
CA GLU A 66 -3.95 -15.26 -6.74
C GLU A 66 -3.74 -13.84 -6.23
N LEU A 67 -3.60 -13.70 -4.92
CA LEU A 67 -3.37 -12.37 -4.36
C LEU A 67 -2.02 -11.84 -4.79
N ILE A 68 -1.00 -12.70 -4.76
CA ILE A 68 0.35 -12.27 -5.11
C ILE A 68 0.32 -11.78 -6.54
N PHE A 69 -0.24 -12.60 -7.42
CA PHE A 69 -0.44 -12.23 -8.82
C PHE A 69 -1.14 -10.88 -8.96
N ALA A 70 -2.21 -10.68 -8.21
CA ALA A 70 -2.99 -9.45 -8.32
C ALA A 70 -2.16 -8.22 -7.98
N THR A 71 -1.43 -8.28 -6.87
CA THR A 71 -0.64 -7.13 -6.42
C THR A 71 0.41 -6.76 -7.47
N LYS A 72 0.99 -7.77 -8.11
CA LYS A 72 2.01 -7.54 -9.14
C LYS A 72 1.42 -6.98 -10.44
N MET A 73 0.25 -7.49 -10.83
CA MET A 73 -0.42 -6.97 -12.02
C MET A 73 -0.92 -5.54 -11.79
N ALA A 74 -1.41 -5.25 -10.59
CA ALA A 74 -1.83 -3.88 -10.29
C ALA A 74 -0.66 -2.92 -10.44
N TRP A 75 0.53 -3.37 -10.03
CA TRP A 75 1.75 -2.57 -10.10
C TRP A 75 2.11 -2.39 -11.57
N ARG A 76 2.12 -3.50 -12.29
CA ARG A 76 2.36 -3.46 -13.72
C ARG A 76 1.38 -2.48 -14.37
N ASN A 77 0.15 -2.42 -13.86
CA ASN A 77 -0.89 -1.53 -14.40
C ASN A 77 -0.84 -0.08 -13.90
N ALA A 78 0.14 0.27 -13.06
CA ALA A 78 0.26 1.64 -12.57
C ALA A 78 0.97 2.53 -13.59
N PRO A 79 0.21 3.42 -14.27
CA PRO A 79 0.68 4.23 -15.39
C PRO A 79 1.88 5.11 -15.06
N ARG A 80 1.87 5.72 -13.88
CA ARG A 80 2.92 6.67 -13.53
C ARG A 80 4.11 6.04 -12.80
N CYS A 81 4.00 4.77 -12.40
CA CYS A 81 5.07 4.18 -11.62
C CYS A 81 6.24 3.72 -12.48
N ILE A 82 7.38 4.37 -12.30
CA ILE A 82 8.62 3.99 -12.97
C ILE A 82 9.10 2.60 -12.51
N GLY A 83 8.85 2.26 -11.25
CA GLY A 83 9.34 0.99 -10.73
C GLY A 83 8.68 -0.23 -11.32
N ARG A 84 7.55 -0.05 -12.00
CA ARG A 84 6.73 -1.18 -12.44
C ARG A 84 7.39 -1.99 -13.56
N ILE A 85 8.47 -1.46 -14.13
CA ILE A 85 9.27 -2.21 -15.10
C ILE A 85 9.80 -3.51 -14.48
N GLN A 86 10.15 -3.46 -13.19
CA GLN A 86 10.61 -4.65 -12.51
C GLN A 86 9.56 -5.17 -11.53
N TRP A 87 8.34 -5.36 -12.05
CA TRP A 87 7.17 -5.64 -11.24
C TRP A 87 7.18 -6.99 -10.52
N SER A 88 8.10 -7.88 -10.91
CA SER A 88 8.15 -9.17 -10.25
C SER A 88 8.90 -9.09 -8.94
N ASN A 89 9.67 -8.03 -8.74
CA ASN A 89 10.37 -7.82 -7.47
C ASN A 89 9.43 -7.20 -6.43
N LEU A 90 8.54 -8.01 -5.86
CA LEU A 90 7.60 -7.52 -4.86
C LEU A 90 7.36 -8.60 -3.82
N GLN A 91 7.63 -8.29 -2.55
CA GLN A 91 7.31 -9.21 -1.47
C GLN A 91 5.92 -8.89 -0.93
N VAL A 92 5.09 -9.92 -0.80
CA VAL A 92 3.72 -9.73 -0.33
C VAL A 92 3.54 -10.27 1.09
N PHE A 93 3.03 -9.44 1.97
CA PHE A 93 2.64 -9.89 3.31
C PHE A 93 1.14 -9.97 3.38
N ASP A 94 0.65 -11.15 3.74
CA ASP A 94 -0.79 -11.42 3.78
C ASP A 94 -1.34 -11.16 5.19
N ALA A 95 -2.01 -10.02 5.38
CA ALA A 95 -2.61 -9.67 6.67
C ALA A 95 -4.13 -9.67 6.60
N ARG A 96 -4.70 -10.50 5.73
CA ARG A 96 -6.14 -10.50 5.52
C ARG A 96 -6.91 -11.07 6.70
N ASN A 97 -6.19 -11.65 7.66
CA ASN A 97 -6.80 -12.21 8.85
C ASN A 97 -6.70 -11.22 10.01
N CYS A 98 -6.26 -10.01 9.70
CA CYS A 98 -6.09 -8.98 10.72
C CYS A 98 -7.47 -8.56 11.22
N SER A 99 -7.56 -8.23 12.51
CA SER A 99 -8.85 -7.81 13.06
C SER A 99 -8.81 -6.53 13.90
N THR A 100 -7.65 -6.23 14.49
CA THR A 100 -7.55 -5.04 15.32
C THR A 100 -6.50 -4.05 14.85
N ALA A 101 -6.59 -2.83 15.34
CA ALA A 101 -5.63 -1.79 15.02
C ALA A 101 -4.24 -2.10 15.59
N GLN A 102 -4.19 -2.69 16.78
CA GLN A 102 -2.91 -3.11 17.36
C GLN A 102 -2.22 -4.11 16.44
N GLU A 103 -3.01 -5.02 15.89
CA GLU A 103 -2.49 -6.01 14.94
C GLU A 103 -2.03 -5.32 13.66
N MET A 104 -2.83 -4.39 13.13
CA MET A 104 -2.41 -3.58 11.97
C MET A 104 -1.04 -2.97 12.22
N PHE A 105 -0.86 -2.44 13.42
CA PHE A 105 0.39 -1.76 13.77
C PHE A 105 1.58 -2.73 13.70
N GLN A 106 1.38 -3.93 14.21
CA GLN A 106 2.44 -4.94 14.18
C GLN A 106 2.76 -5.35 12.75
N HIS A 107 1.74 -5.44 11.91
CA HIS A 107 1.98 -5.76 10.50
C HIS A 107 2.80 -4.67 9.83
N ILE A 108 2.48 -3.42 10.13
CA ILE A 108 3.20 -2.31 9.52
C ILE A 108 4.64 -2.22 10.02
N CYS A 109 4.85 -2.49 11.31
CA CYS A 109 6.22 -2.57 11.83
C CYS A 109 7.02 -3.62 11.04
N ARG A 110 6.42 -4.79 10.88
CA ARG A 110 7.05 -5.88 10.14
C ARG A 110 7.38 -5.41 8.72
N HIS A 111 6.44 -4.73 8.08
CA HIS A 111 6.66 -4.21 6.72
C HIS A 111 7.82 -3.22 6.70
N ILE A 112 7.78 -2.23 7.59
CA ILE A 112 8.84 -1.24 7.60
C ILE A 112 10.22 -1.87 7.82
N LEU A 113 10.29 -2.86 8.69
CA LEU A 113 11.54 -3.55 8.97
C LEU A 113 12.08 -4.28 7.75
N TYR A 114 11.24 -5.10 7.12
CA TYR A 114 11.65 -5.84 5.94
C TYR A 114 12.08 -4.93 4.81
N ALA A 115 11.24 -3.97 4.47
CA ALA A 115 11.46 -3.11 3.30
C ALA A 115 12.67 -2.20 3.50
N THR A 116 12.87 -1.74 4.73
CA THR A 116 14.03 -0.90 5.03
C THR A 116 15.31 -1.70 4.93
N ASN A 117 15.35 -2.87 5.57
CA ASN A 117 16.48 -3.78 5.40
C ASN A 117 17.79 -3.03 5.57
N ASN A 118 17.85 -2.20 6.62
CA ASN A 118 19.05 -1.46 6.96
C ASN A 118 19.64 -0.66 5.80
N GLY A 119 18.77 -0.19 4.90
CA GLY A 119 19.23 0.69 3.83
C GLY A 119 19.16 0.06 2.46
N ASN A 120 19.23 -1.26 2.42
CA ASN A 120 19.17 -1.98 1.16
C ASN A 120 17.71 -2.27 0.82
N ILE A 121 17.02 -1.23 0.36
CA ILE A 121 15.55 -1.21 0.34
C ILE A 121 14.94 -2.31 -0.52
N ARG A 122 13.90 -2.94 0.01
CA ARG A 122 13.15 -3.96 -0.73
C ARG A 122 11.69 -3.55 -0.90
N SER A 123 11.15 -3.75 -2.09
CA SER A 123 9.75 -3.48 -2.34
C SER A 123 8.82 -4.50 -1.69
N ALA A 124 7.75 -4.01 -1.06
CA ALA A 124 6.81 -4.89 -0.40
C ALA A 124 5.42 -4.25 -0.33
N ILE A 125 4.41 -5.10 -0.22
CA ILE A 125 3.05 -4.64 -0.02
C ILE A 125 2.47 -5.49 1.09
N THR A 126 1.72 -4.86 2.00
CA THR A 126 0.99 -5.60 3.02
C THR A 126 -0.50 -5.45 2.76
N VAL A 127 -1.20 -6.58 2.63
CA VAL A 127 -2.62 -6.58 2.27
C VAL A 127 -3.51 -6.92 3.47
N PHE A 128 -4.29 -5.93 3.90
CA PHE A 128 -5.24 -6.12 4.99
C PHE A 128 -6.59 -6.66 4.49
N PRO A 129 -7.51 -6.94 5.42
CA PRO A 129 -8.80 -7.54 5.03
C PRO A 129 -9.57 -6.73 3.99
N GLN A 130 -10.21 -7.45 3.06
CA GLN A 130 -10.97 -6.82 1.99
C GLN A 130 -12.25 -6.21 2.52
N ARG A 131 -12.72 -5.19 1.81
CA ARG A 131 -13.99 -4.58 2.14
C ARG A 131 -15.10 -5.62 2.10
N SER A 132 -15.96 -5.60 3.10
CA SER A 132 -17.15 -6.45 3.12
C SER A 132 -18.37 -5.63 2.74
N ASP A 133 -19.02 -5.04 3.74
CA ASP A 133 -20.20 -4.23 3.47
C ASP A 133 -19.82 -2.78 3.31
N GLY A 134 -18.57 -2.46 3.63
CA GLY A 134 -18.11 -1.09 3.46
C GLY A 134 -18.25 -0.28 4.73
N LYS A 135 -18.78 -0.91 5.77
CA LYS A 135 -18.91 -0.24 7.07
C LYS A 135 -17.87 -0.78 8.04
N HIS A 136 -17.01 -1.67 7.56
CA HIS A 136 -15.99 -2.27 8.40
C HIS A 136 -14.59 -2.15 7.80
N ASP A 137 -14.38 -1.11 7.01
CA ASP A 137 -13.13 -0.95 6.26
C ASP A 137 -11.93 -0.87 7.18
N PHE A 138 -10.84 -1.50 6.78
CA PHE A 138 -9.53 -1.16 7.32
C PHE A 138 -8.97 -0.05 6.42
N ARG A 139 -8.42 0.98 7.05
CA ARG A 139 -7.77 2.07 6.33
C ARG A 139 -6.56 2.53 7.13
N LEU A 140 -5.51 2.95 6.43
CA LEU A 140 -4.50 3.82 7.02
C LEU A 140 -4.82 5.25 6.66
N TRP A 141 -4.83 6.14 7.66
CA TRP A 141 -5.21 7.53 7.41
C TRP A 141 -4.04 8.35 6.90
N ASN A 142 -2.82 7.88 7.17
CA ASN A 142 -1.62 8.49 6.62
C ASN A 142 -1.62 8.36 5.09
N SER A 143 -0.94 9.27 4.41
CA SER A 143 -0.75 9.15 2.97
C SER A 143 0.49 8.29 2.71
N GLN A 144 1.50 8.45 3.57
CA GLN A 144 2.65 7.55 3.58
C GLN A 144 2.89 6.99 4.98
N LEU A 145 3.59 5.86 5.05
CA LEU A 145 3.89 5.25 6.34
C LEU A 145 4.79 6.16 7.15
N ILE A 146 5.80 6.71 6.48
CA ILE A 146 6.74 7.60 7.13
C ILE A 146 6.68 8.96 6.44
N ARG A 147 6.41 9.99 7.24
CA ARG A 147 6.30 11.35 6.72
C ARG A 147 6.56 12.29 7.89
N TYR A 148 7.19 13.44 7.64
CA TYR A 148 7.40 14.43 8.70
C TYR A 148 6.18 15.31 8.91
N ALA A 149 5.96 15.71 10.16
CA ALA A 149 4.80 16.53 10.51
C ALA A 149 4.91 17.92 9.88
N GLY A 150 3.77 18.60 9.79
CA GLY A 150 3.79 19.98 9.33
C GLY A 150 3.04 20.87 10.31
N TYR A 151 3.66 21.97 10.69
CA TYR A 151 3.05 22.91 11.63
C TYR A 151 2.86 24.29 11.00
N THR A 157 3.27 30.84 8.43
CA THR A 157 4.50 30.18 7.98
C THR A 157 4.51 28.72 8.42
N ILE A 158 5.49 27.97 7.94
CA ILE A 158 5.49 26.51 8.10
C ILE A 158 6.63 26.01 8.99
N ARG A 159 6.42 24.83 9.58
CA ARG A 159 7.50 24.11 10.26
C ARG A 159 7.32 22.61 10.01
N GLY A 160 8.30 22.01 9.34
CA GLY A 160 8.18 20.60 8.98
C GLY A 160 7.73 20.40 7.54
N ASP A 161 6.98 19.33 7.30
CA ASP A 161 6.46 19.06 5.97
C ASP A 161 5.19 19.86 5.72
N ALA A 162 5.31 20.91 4.92
CA ALA A 162 4.21 21.85 4.72
C ALA A 162 2.99 21.17 4.12
N ALA A 163 3.20 19.99 3.53
CA ALA A 163 2.13 19.27 2.85
C ALA A 163 1.31 18.41 3.80
N THR A 164 1.69 18.38 5.08
CA THR A 164 0.98 17.58 6.06
C THR A 164 0.42 18.43 7.19
N LEU A 165 0.54 19.75 7.06
CA LEU A 165 0.00 20.67 8.05
C LEU A 165 -1.38 20.21 8.50
N GLU A 166 -2.20 19.82 7.54
CA GLU A 166 -3.56 19.38 7.83
C GLU A 166 -3.54 18.08 8.63
N PHE A 167 -2.83 17.07 8.12
CA PHE A 167 -2.80 15.76 8.75
C PHE A 167 -2.19 15.85 10.13
N THR A 168 -1.13 16.65 10.26
CA THR A 168 -0.50 16.88 11.55
C THR A 168 -1.53 17.42 12.54
N GLN A 169 -2.35 18.35 12.08
CA GLN A 169 -3.35 18.97 12.93
C GLN A 169 -4.34 17.90 13.38
N LEU A 170 -4.70 17.02 12.46
CA LEU A 170 -5.59 15.90 12.77
C LEU A 170 -5.02 15.00 13.85
N CYS A 171 -3.73 14.66 13.74
CA CYS A 171 -3.10 13.82 14.74
C CYS A 171 -3.20 14.46 16.12
N ILE A 172 -2.83 15.72 16.19
CA ILE A 172 -2.96 16.49 17.42
C ILE A 172 -4.38 16.38 17.97
N ASP A 173 -5.38 16.64 17.12
CA ASP A 173 -6.77 16.57 17.54
C ASP A 173 -7.12 15.18 18.07
N LEU A 174 -6.35 14.18 17.66
CA LEU A 174 -6.62 12.80 18.07
C LEU A 174 -5.87 12.42 19.36
N GLY A 175 -5.03 13.33 19.83
CA GLY A 175 -4.36 13.11 21.11
C GLY A 175 -2.85 12.99 20.99
N TRP A 176 -2.34 13.11 19.77
CA TRP A 176 -0.91 13.04 19.55
C TRP A 176 -0.25 14.27 20.13
N LYS A 177 0.81 14.08 20.91
CA LYS A 177 1.56 15.19 21.47
C LYS A 177 2.63 15.67 20.49
N PRO A 178 2.44 16.87 19.92
CA PRO A 178 3.36 17.43 18.93
C PRO A 178 4.64 18.01 19.50
N ARG A 179 5.73 17.25 19.41
CA ARG A 179 7.06 17.85 19.44
C ARG A 179 7.08 18.76 18.22
N TYR A 180 7.68 19.94 18.34
CA TYR A 180 7.56 20.94 17.28
C TYR A 180 8.81 21.09 16.41
N GLY A 181 9.56 20.01 16.26
CA GLY A 181 10.74 20.05 15.41
C GLY A 181 10.38 20.17 13.95
N ARG A 182 11.38 20.05 13.07
CA ARG A 182 11.13 20.12 11.64
C ARG A 182 11.12 18.73 11.01
N PHE A 183 11.60 17.74 11.77
CA PHE A 183 11.62 16.36 11.31
C PHE A 183 10.93 15.42 12.29
N ASP A 184 9.70 15.77 12.69
CA ASP A 184 8.92 14.89 13.57
C ASP A 184 8.19 13.86 12.73
N VAL A 185 8.52 12.59 12.94
CA VAL A 185 7.82 11.52 12.24
C VAL A 185 6.40 11.42 12.77
N LEU A 186 5.43 11.68 11.89
CA LEU A 186 4.03 11.55 12.25
C LEU A 186 3.76 10.12 12.68
N PRO A 187 2.78 9.94 13.57
CA PRO A 187 2.33 8.62 14.04
C PRO A 187 1.49 7.95 12.95
N LEU A 188 1.35 6.64 13.05
CA LEU A 188 0.41 5.92 12.20
C LEU A 188 -0.98 6.09 12.78
N VAL A 189 -1.92 6.46 11.92
CA VAL A 189 -3.31 6.56 12.32
C VAL A 189 -4.12 5.45 11.66
N LEU A 190 -4.51 4.48 12.46
CA LEU A 190 -4.98 3.20 11.93
C LEU A 190 -6.42 2.89 12.27
N GLN A 191 -7.19 2.55 11.25
CA GLN A 191 -8.60 2.21 11.41
C GLN A 191 -8.79 0.73 11.10
N ALA A 192 -9.34 0.00 12.05
CA ALA A 192 -9.60 -1.42 11.88
C ALA A 192 -11.10 -1.67 11.91
N ASP A 193 -11.58 -2.50 10.98
CA ASP A 193 -12.94 -2.97 11.01
C ASP A 193 -13.98 -1.82 11.02
N GLY A 194 -13.58 -0.66 10.53
CA GLY A 194 -14.50 0.47 10.46
C GLY A 194 -14.57 1.33 11.72
N GLN A 195 -13.85 0.91 12.75
CA GLN A 195 -13.82 1.63 14.02
C GLN A 195 -13.15 3.00 13.89
N ASP A 196 -13.27 3.84 14.91
CA ASP A 196 -12.50 5.09 14.93
C ASP A 196 -11.03 4.72 14.89
N PRO A 197 -10.20 5.56 14.25
CA PRO A 197 -8.77 5.28 14.14
C PRO A 197 -8.06 5.36 15.49
N GLU A 198 -6.92 4.70 15.60
CA GLU A 198 -6.09 4.79 16.80
C GLU A 198 -4.69 5.30 16.43
N VAL A 199 -4.04 5.99 17.36
CA VAL A 199 -2.76 6.64 17.07
C VAL A 199 -1.58 5.83 17.60
N PHE A 200 -0.62 5.52 16.73
CA PHE A 200 0.54 4.71 17.10
C PHE A 200 1.83 5.39 16.69
N GLU A 201 2.64 5.79 17.66
CA GLU A 201 3.98 6.27 17.37
C GLU A 201 4.74 5.14 16.67
N ILE A 202 5.45 5.47 15.60
CA ILE A 202 6.37 4.51 14.99
C ILE A 202 7.66 4.46 15.80
N PRO A 203 8.06 3.27 16.27
CA PRO A 203 9.33 3.12 16.99
C PRO A 203 10.50 3.74 16.21
N PRO A 204 11.15 4.75 16.80
CA PRO A 204 12.16 5.57 16.13
C PRO A 204 13.25 4.73 15.47
N ASP A 205 13.54 3.59 16.09
CA ASP A 205 14.59 2.71 15.60
C ASP A 205 14.18 2.07 14.26
N LEU A 206 12.88 2.08 13.98
CA LEU A 206 12.39 1.53 12.71
C LEU A 206 12.55 2.50 11.54
N VAL A 207 12.82 3.77 11.86
CA VAL A 207 12.88 4.81 10.84
C VAL A 207 14.32 5.16 10.42
N LEU A 208 14.72 4.70 9.25
CA LEU A 208 16.05 4.99 8.71
C LEU A 208 16.04 6.37 8.06
N GLU A 209 17.00 7.20 8.44
CA GLU A 209 17.13 8.53 7.84
C GLU A 209 18.52 8.74 7.23
N VAL A 210 18.55 9.33 6.05
CA VAL A 210 19.80 9.71 5.42
C VAL A 210 20.15 11.13 5.84
N THR A 211 21.30 11.29 6.49
CA THR A 211 21.73 12.61 6.95
C THR A 211 22.63 13.24 5.89
N MET A 212 22.26 14.44 5.45
CA MET A 212 22.88 15.04 4.27
C MET A 212 24.28 15.57 4.54
N GLU A 213 25.20 15.24 3.62
CA GLU A 213 26.57 15.72 3.72
C GLU A 213 27.12 15.99 2.32
N TRP A 219 30.42 20.24 5.08
CA TRP A 219 30.77 21.62 5.40
C TRP A 219 29.52 22.47 5.62
N GLU A 222 25.90 21.10 8.14
CA GLU A 222 25.70 21.81 9.41
C GLU A 222 24.27 22.29 9.53
N LEU A 223 23.58 22.39 8.41
CA LEU A 223 22.20 22.87 8.38
C LEU A 223 21.28 21.95 9.18
N GLY A 224 21.76 20.74 9.46
CA GLY A 224 20.95 19.78 10.19
C GLY A 224 19.85 19.19 9.34
N LEU A 225 20.16 18.96 8.06
CA LEU A 225 19.18 18.44 7.12
C LEU A 225 19.23 16.92 7.02
N LYS A 226 18.05 16.30 7.06
CA LYS A 226 17.95 14.85 6.89
C LYS A 226 16.61 14.48 6.26
N TRP A 227 16.49 13.24 5.83
CA TRP A 227 15.26 12.75 5.23
C TRP A 227 15.15 11.24 5.38
N TYR A 228 13.92 10.73 5.36
CA TYR A 228 13.70 9.30 5.58
C TYR A 228 13.96 8.50 4.30
N ALA A 229 14.46 7.29 4.49
CA ALA A 229 14.90 6.43 3.39
C ALA A 229 13.75 5.69 2.68
N LEU A 230 12.68 5.39 3.41
CA LEU A 230 11.62 4.51 2.90
C LEU A 230 10.37 5.25 2.43
N PRO A 231 10.18 5.35 1.11
CA PRO A 231 8.97 5.95 0.55
C PRO A 231 7.85 4.92 0.41
N ALA A 232 6.83 5.04 1.24
CA ALA A 232 5.78 4.02 1.30
C ALA A 232 4.38 4.62 1.21
N VAL A 233 3.65 4.27 0.15
CA VAL A 233 2.30 4.75 -0.03
C VAL A 233 1.34 3.98 0.87
N ALA A 234 0.60 4.72 1.69
CA ALA A 234 -0.19 4.09 2.74
C ALA A 234 -1.68 4.05 2.44
N ASN A 235 -2.14 4.82 1.44
CA ASN A 235 -3.54 5.21 1.40
C ASN A 235 -4.33 4.82 0.16
N MET A 236 -3.78 3.96 -0.68
CA MET A 236 -4.51 3.53 -1.87
C MET A 236 -5.28 2.25 -1.64
N LEU A 237 -6.10 1.88 -2.63
CA LEU A 237 -7.00 0.74 -2.53
C LEU A 237 -6.66 -0.21 -3.67
N LEU A 238 -6.52 -1.50 -3.36
CA LEU A 238 -6.31 -2.51 -4.40
C LEU A 238 -7.62 -3.12 -4.84
N GLU A 239 -7.88 -3.02 -6.13
CA GLU A 239 -9.04 -3.66 -6.72
C GLU A 239 -8.59 -4.89 -7.49
N VAL A 240 -9.31 -5.98 -7.32
CA VAL A 240 -9.03 -7.20 -8.06
C VAL A 240 -10.25 -8.11 -8.09
N GLY A 241 -10.67 -8.49 -9.30
CA GLY A 241 -11.80 -9.39 -9.45
C GLY A 241 -13.03 -8.90 -8.72
N GLY A 242 -13.19 -7.59 -8.62
CA GLY A 242 -14.39 -7.03 -8.03
C GLY A 242 -14.26 -6.87 -6.53
N LEU A 243 -13.18 -7.39 -5.96
CA LEU A 243 -12.89 -7.20 -4.54
C LEU A 243 -12.10 -5.91 -4.33
N GLU A 244 -12.31 -5.28 -3.17
CA GLU A 244 -11.62 -4.04 -2.87
C GLU A 244 -10.85 -4.18 -1.54
N PHE A 245 -9.58 -3.78 -1.58
CA PHE A 245 -8.72 -3.78 -0.39
C PHE A 245 -8.35 -2.36 -0.03
N PRO A 246 -9.15 -1.70 0.82
CA PRO A 246 -8.94 -0.28 1.10
C PRO A 246 -7.68 0.00 1.93
N ALA A 247 -7.06 -1.06 2.45
CA ALA A 247 -5.82 -0.94 3.22
C ALA A 247 -4.77 -1.90 2.66
N CYS A 248 -3.77 -1.35 2.01
CA CYS A 248 -2.76 -2.16 1.35
C CYS A 248 -1.52 -1.33 1.11
N PRO A 249 -0.82 -0.95 2.20
CA PRO A 249 0.38 -0.11 2.04
C PRO A 249 1.46 -0.83 1.24
N PHE A 250 2.21 -0.07 0.44
CA PHE A 250 3.32 -0.63 -0.31
C PHE A 250 4.46 0.38 -0.37
N ASN A 251 5.66 -0.07 -0.71
CA ASN A 251 6.78 0.85 -0.84
C ASN A 251 7.67 0.48 -2.00
N GLY A 252 8.41 1.46 -2.49
CA GLY A 252 9.52 1.18 -3.37
C GLY A 252 10.76 1.82 -2.78
N TRP A 253 11.56 2.45 -3.63
CA TRP A 253 12.66 3.29 -3.19
C TRP A 253 12.67 4.57 -4.04
N TYR A 254 13.45 5.57 -3.62
CA TYR A 254 13.47 6.86 -4.29
C TYR A 254 14.05 6.79 -5.70
N MET A 255 13.62 7.74 -6.52
CA MET A 255 14.21 7.98 -7.84
C MET A 255 15.47 8.83 -7.70
N GLY A 256 15.37 9.89 -6.89
CA GLY A 256 16.47 10.81 -6.71
C GLY A 256 16.07 12.24 -7.05
N ASN A 300 24.62 20.69 -6.29
CA ASN A 300 23.93 21.19 -5.11
C ASN A 300 23.10 20.08 -4.45
N VAL A 301 22.84 19.02 -5.20
CA VAL A 301 22.09 17.88 -4.68
C VAL A 301 23.02 16.93 -3.92
N ALA A 302 23.12 17.12 -2.62
CA ALA A 302 23.90 16.24 -1.76
C ALA A 302 23.12 14.96 -1.47
N VAL A 303 21.94 14.86 -2.06
CA VAL A 303 21.09 13.69 -1.89
C VAL A 303 21.71 12.45 -2.51
N LEU A 304 21.96 12.50 -3.82
CA LEU A 304 22.58 11.39 -4.52
C LEU A 304 23.82 10.92 -3.77
N HIS A 305 24.52 11.88 -3.18
CA HIS A 305 25.76 11.58 -2.47
C HIS A 305 25.48 10.96 -1.10
N SER A 306 24.59 11.59 -0.35
CA SER A 306 24.28 11.14 1.01
C SER A 306 23.64 9.75 1.00
N PHE A 307 22.76 9.51 0.04
CA PHE A 307 22.11 8.21 -0.08
C PHE A 307 23.10 7.13 -0.50
N GLN A 308 23.89 7.42 -1.53
CA GLN A 308 24.86 6.47 -2.03
C GLN A 308 25.96 6.20 -1.02
N LYS A 309 26.34 7.24 -0.28
CA LYS A 309 27.43 7.14 0.68
C LYS A 309 26.99 6.44 1.95
N GLN A 310 25.69 6.51 2.25
CA GLN A 310 25.13 5.80 3.38
C GLN A 310 24.48 4.50 2.92
N ASN A 311 24.65 4.21 1.64
CA ASN A 311 24.15 2.96 1.05
C ASN A 311 22.67 2.74 1.30
N VAL A 312 21.89 3.79 1.06
CA VAL A 312 20.45 3.65 0.96
C VAL A 312 20.08 3.62 -0.52
N THR A 313 19.34 2.60 -0.90
CA THR A 313 19.00 2.39 -2.29
C THR A 313 18.25 3.58 -2.89
N ILE A 314 18.67 3.98 -4.09
CA ILE A 314 17.88 4.87 -4.93
C ILE A 314 17.93 4.34 -6.36
N MET A 315 17.06 4.86 -7.22
CA MET A 315 16.97 4.34 -8.58
C MET A 315 18.01 4.99 -9.50
N ASP A 316 19.28 4.77 -9.17
CA ASP A 316 20.38 5.15 -10.06
C ASP A 316 20.52 4.08 -11.13
N HIS A 317 21.45 4.26 -12.06
CA HIS A 317 21.59 3.35 -13.18
C HIS A 317 21.93 1.94 -12.72
N HIS A 318 22.81 1.86 -11.73
CA HIS A 318 23.22 0.57 -11.19
C HIS A 318 22.02 -0.18 -10.62
N THR A 319 21.27 0.50 -9.76
CA THR A 319 20.06 -0.09 -9.18
C THR A 319 19.04 -0.39 -10.27
N ALA A 320 18.95 0.51 -11.25
CA ALA A 320 18.08 0.28 -12.39
C ALA A 320 18.43 -1.04 -13.06
N SER A 321 19.71 -1.23 -13.38
CA SER A 321 20.13 -2.41 -14.13
C SER A 321 19.96 -3.67 -13.28
N GLU A 322 20.42 -3.58 -12.04
CA GLU A 322 20.36 -4.71 -11.12
C GLU A 322 18.93 -5.20 -10.88
N SER A 323 18.04 -4.28 -10.54
CA SER A 323 16.66 -4.67 -10.23
C SER A 323 15.97 -5.24 -11.46
N PHE A 324 16.20 -4.65 -12.62
CA PHE A 324 15.68 -5.22 -13.85
C PHE A 324 16.30 -6.58 -14.11
N MET A 325 17.58 -6.71 -13.79
CA MET A 325 18.26 -8.00 -13.99
C MET A 325 17.58 -9.05 -13.13
N LYS A 326 17.38 -8.74 -11.86
CA LYS A 326 16.71 -9.67 -10.95
C LYS A 326 15.28 -9.95 -11.42
N HIS A 327 14.56 -8.91 -11.83
CA HIS A 327 13.23 -9.09 -12.37
C HIS A 327 13.28 -10.08 -13.53
N MET A 328 14.25 -9.91 -14.42
CA MET A 328 14.29 -10.72 -15.63
C MET A 328 14.63 -12.18 -15.31
N GLN A 329 15.40 -12.40 -14.25
CA GLN A 329 15.73 -13.74 -13.82
C GLN A 329 14.52 -14.46 -13.21
N ASN A 330 13.58 -13.69 -12.69
CA ASN A 330 12.29 -14.24 -12.29
C ASN A 330 11.50 -14.69 -13.52
N GLU A 331 12.13 -15.49 -14.36
CA GLU A 331 11.48 -16.08 -15.51
C GLU A 331 12.24 -17.34 -15.92
N TYR A 332 11.50 -18.40 -16.22
CA TYR A 332 12.10 -19.72 -16.42
C TYR A 332 11.62 -20.37 -17.71
N VAL A 365 -11.15 -0.06 -18.69
CA VAL A 365 -10.78 -0.25 -17.29
C VAL A 365 -9.65 -1.28 -17.15
N LEU A 366 -8.59 -0.89 -16.43
CA LEU A 366 -7.56 -1.85 -16.06
C LEU A 366 -7.87 -2.48 -14.70
N SER A 367 -7.70 -3.80 -14.63
CA SER A 367 -7.87 -4.54 -13.38
C SER A 367 -6.91 -5.72 -13.42
N PRO A 368 -6.23 -6.01 -12.30
CA PRO A 368 -6.18 -5.31 -11.01
C PRO A 368 -5.58 -3.91 -11.10
N PHE A 369 -5.85 -3.09 -10.09
CA PHE A 369 -5.49 -1.68 -10.17
C PHE A 369 -5.41 -1.06 -8.77
N TYR A 370 -4.48 -0.13 -8.60
CA TYR A 370 -4.39 0.66 -7.37
C TYR A 370 -5.14 1.97 -7.57
N TYR A 371 -6.16 2.18 -6.75
CA TYR A 371 -6.98 3.37 -6.85
C TYR A 371 -6.65 4.34 -5.73
N TYR A 372 -6.84 5.63 -6.00
CA TYR A 372 -6.84 6.62 -4.94
C TYR A 372 -8.16 6.51 -4.17
N GLN A 373 -8.19 7.04 -2.96
CA GLN A 373 -9.41 7.00 -2.17
C GLN A 373 -9.73 8.42 -1.72
N ILE A 374 -10.93 8.63 -1.20
CA ILE A 374 -11.26 9.89 -0.53
C ILE A 374 -10.66 9.88 0.88
N GLU A 375 -10.00 10.97 1.26
CA GLU A 375 -9.39 11.07 2.57
C GLU A 375 -10.38 10.67 3.65
N PRO A 376 -10.00 9.70 4.48
CA PRO A 376 -10.96 9.01 5.35
C PRO A 376 -11.57 9.91 6.43
N TRP A 377 -10.85 10.95 6.83
CA TRP A 377 -11.39 11.89 7.80
C TRP A 377 -12.51 12.75 7.21
N LYS A 378 -12.59 12.80 5.89
CA LYS A 378 -13.68 13.52 5.24
C LYS A 378 -14.95 12.69 5.17
N THR A 379 -14.84 11.38 5.34
CA THR A 379 -16.00 10.50 5.18
C THR A 379 -16.34 9.68 6.42
N HIS A 380 -15.44 9.66 7.40
CA HIS A 380 -15.61 8.78 8.54
C HIS A 380 -16.72 9.24 9.48
N ILE A 381 -17.56 8.29 9.89
CA ILE A 381 -18.61 8.56 10.86
C ILE A 381 -18.11 8.20 12.26
N TRP A 382 -17.80 9.23 13.06
CA TRP A 382 -17.24 9.01 14.39
C TRP A 382 -18.25 8.41 15.34
N GLN A 383 -17.91 7.25 15.91
CA GLN A 383 -18.71 6.67 16.97
C GLN A 383 -18.24 7.19 18.33
N ASN A 384 -17.33 8.15 18.28
CA ASN A 384 -16.86 8.84 19.49
C ASN A 384 -15.88 9.93 19.10
N GLU A 385 -16.30 11.18 19.24
CA GLU A 385 -15.45 12.32 18.93
C GLU A 385 -15.13 13.11 20.20
CHA HEM B . 3.85 6.07 -8.54
CHB HEM B . 8.63 5.01 -8.53
CHC HEM B . 7.65 0.74 -6.41
CHD HEM B . 2.89 1.49 -7.14
C1A HEM B . 5.24 6.17 -8.66
C2A HEM B . 5.95 7.36 -9.08
C3A HEM B . 7.27 7.04 -9.12
C4A HEM B . 7.40 5.67 -8.68
CMA HEM B . 8.42 7.96 -9.56
CAA HEM B . 5.35 8.71 -9.46
CBA HEM B . 5.24 9.68 -8.30
CGA HEM B . 4.54 10.97 -8.69
O1A HEM B . 4.44 11.87 -7.83
O2A HEM B . 4.10 11.07 -9.85
C1B HEM B . 8.76 3.73 -8.00
C2B HEM B . 10.03 3.08 -7.81
C3B HEM B . 9.81 1.90 -7.18
C4B HEM B . 8.35 1.79 -7.03
CMB HEM B . 11.39 3.67 -8.22
CAB HEM B . 10.81 1.10 -6.66
CBB HEM B . 10.83 -0.34 -6.74
C1C HEM B . 6.24 0.62 -6.35
C2C HEM B . 5.53 -0.52 -5.81
C3C HEM B . 4.22 -0.37 -6.12
C4C HEM B . 4.11 0.93 -6.75
CMC HEM B . 6.22 -1.66 -5.06
CAC HEM B . 3.13 -1.22 -5.89
CBC HEM B . 3.15 -2.64 -5.56
C1D HEM B . 2.75 2.81 -7.59
C2D HEM B . 1.48 3.44 -7.86
C3D HEM B . 1.75 4.74 -8.19
C4D HEM B . 3.18 4.90 -8.14
CMD HEM B . 0.12 2.77 -7.92
CAD HEM B . 0.75 5.75 -8.79
CBD HEM B . 0.79 5.48 -10.28
CGD HEM B . -0.24 6.28 -11.08
O1D HEM B . -0.18 6.23 -12.32
O2D HEM B . -1.10 6.94 -10.45
NA HEM B . 6.14 5.13 -8.37
NB HEM B . 7.72 2.93 -7.54
NC HEM B . 5.35 1.54 -6.88
ND HEM B . 3.81 3.71 -7.76
FE HEM B . 5.78 3.32 -7.63
C36 342 C . 9.02 9.67 -3.34
C35 342 C . 9.25 8.56 -4.17
O39 342 C . 9.20 7.22 -3.92
C38 342 C . 9.36 6.56 -5.18
O37 342 C . 9.82 7.55 -6.12
C34 342 C . 9.61 8.76 -5.53
C33 342 C . 9.72 10.07 -6.02
C32 342 C . 9.49 11.17 -5.19
C31 342 C . 9.13 10.98 -3.85
C27 342 C . 8.88 12.19 -2.93
N23 342 C . 7.58 12.10 -2.23
C22 342 C . 6.46 12.08 -3.22
C24 342 C . 7.43 13.27 -1.32
C25 342 C . 6.10 13.17 -0.57
C26 342 C . 4.92 13.06 -1.54
C21 342 C . 5.11 11.85 -2.48
O17 342 C . 5.12 10.63 -1.65
C14 342 C . 5.31 9.44 -2.30
C15 342 C . 5.99 8.40 -1.63
C16 342 C . 6.19 7.16 -2.24
C13 342 C . 4.83 9.21 -3.62
C12 342 C . 5.04 7.96 -4.23
C11 342 C . 5.72 6.93 -3.56
N3 342 C . 5.89 5.72 -4.15
C4 342 C . 6.52 4.67 -3.63
C5 342 C . 6.51 3.69 -4.52
NFE 342 C . 5.86 4.14 -5.60
C2 342 C . 5.49 5.38 -5.36
#